data_2PR6
#
_entry.id   2PR6
#
_cell.length_a   90.295
_cell.length_b   91.678
_cell.length_c   34.380
_cell.angle_alpha   90.00
_cell.angle_beta   90.00
_cell.angle_gamma   90.00
#
_symmetry.space_group_name_H-M   'P 21 21 2'
#
loop_
_entity.id
_entity.type
_entity.pdbx_description
1 polymer 'Blue-light photoreceptor'
2 non-polymer 'FLAVIN MONONUCLEOTIDE'
3 water water
#
_entity_poly.entity_id   1
_entity_poly.type   'polypeptide(L)'
_entity_poly.pdbx_seq_one_letter_code
;GSHMLDHVRVGVVITDPALEDNPIVYVNQGFVQMTGYETEEILGKNCRFLQGKHTDPAEVDNIRTALQNKEPVTVQIQNY
KKDGTMFWNELNIDPMEIEDKTYFVGIQNDITKQKEYEKLLEDSLTEITALS
;
_entity_poly.pdbx_strand_id   A,B
#
loop_
_chem_comp.id
_chem_comp.type
_chem_comp.name
_chem_comp.formula
FMN non-polymer 'FLAVIN MONONUCLEOTIDE' 'C17 H21 N4 O9 P'
#
# COMPACT_ATOMS: atom_id res chain seq x y z
N LEU A 5 -9.59 -10.14 11.93
CA LEU A 5 -8.43 -9.75 11.06
C LEU A 5 -8.14 -8.24 11.09
N ASP A 6 -7.04 -7.85 10.46
CA ASP A 6 -6.58 -6.47 10.50
C ASP A 6 -7.50 -5.56 9.70
N HIS A 7 -7.76 -4.36 10.24
CA HIS A 7 -8.62 -3.37 9.58
C HIS A 7 -8.05 -1.95 9.77
N VAL A 8 -6.83 -1.75 9.27
CA VAL A 8 -6.13 -0.46 9.42
C VAL A 8 -5.58 0.00 8.06
N ARG A 9 -5.28 1.28 7.97
CA ARG A 9 -4.81 1.88 6.71
C ARG A 9 -3.40 1.39 6.43
N VAL A 10 -3.01 1.39 5.17
CA VAL A 10 -1.66 0.99 4.82
C VAL A 10 -0.72 2.17 4.95
N GLY A 11 0.51 1.86 5.30
CA GLY A 11 1.56 2.86 5.40
C GLY A 11 2.25 3.01 4.07
N VAL A 12 2.63 4.24 3.74
CA VAL A 12 3.48 4.52 2.56
C VAL A 12 4.65 5.38 3.01
N VAL A 13 5.84 4.99 2.54
CA VAL A 13 7.07 5.71 2.84
C VAL A 13 7.77 5.92 1.51
N ILE A 14 8.42 7.06 1.31
CA ILE A 14 9.35 7.25 0.17
C ILE A 14 10.71 7.60 0.81
N THR A 15 11.78 6.98 0.32
CA THR A 15 13.14 7.32 0.69
C THR A 15 13.96 7.83 -0.50
N ASP A 16 15.05 8.54 -0.19
CA ASP A 16 15.90 9.08 -1.23
C ASP A 16 17.27 8.42 -1.08
N PRO A 17 17.56 7.42 -1.94
CA PRO A 17 18.79 6.66 -1.71
C PRO A 17 20.06 7.41 -2.09
N ALA A 18 19.90 8.58 -2.69
CA ALA A 18 21.05 9.43 -3.02
C ALA A 18 21.56 10.18 -1.82
N LEU A 19 20.71 10.33 -0.80
CA LEU A 19 21.13 10.98 0.44
C LEU A 19 21.71 9.91 1.36
N GLU A 20 22.57 10.34 2.28
CA GLU A 20 23.26 9.44 3.18
C GLU A 20 22.28 8.61 4.02
N ASP A 21 22.48 7.29 3.98
CA ASP A 21 21.68 6.31 4.72
C ASP A 21 20.21 6.28 4.29
N ASN A 22 19.95 6.70 3.05
CA ASN A 22 18.66 6.47 2.42
C ASN A 22 17.52 6.86 3.36
N PRO A 23 17.51 8.16 3.77
CA PRO A 23 16.49 8.64 4.74
C PRO A 23 15.08 8.68 4.14
N ILE A 24 14.07 8.60 5.00
CA ILE A 24 12.66 8.78 4.64
C ILE A 24 12.40 10.28 4.38
N VAL A 25 11.79 10.55 3.22
CA VAL A 25 11.52 11.92 2.80
C VAL A 25 10.02 12.18 2.74
N TYR A 26 9.23 11.10 2.81
CA TYR A 26 7.78 11.19 2.91
C TYR A 26 7.20 10.02 3.70
N VAL A 27 6.21 10.30 4.55
CA VAL A 27 5.48 9.25 5.24
C VAL A 27 4.01 9.66 5.34
N ASN A 28 3.09 8.73 5.11
CA ASN A 28 1.67 9.09 5.15
C ASN A 28 1.12 8.91 6.53
N GLN A 29 -0.13 9.32 6.75
CA GLN A 29 -0.70 9.16 8.09
C GLN A 29 -0.99 7.72 8.43
N GLY A 30 -1.31 6.92 7.42
CA GLY A 30 -1.45 5.49 7.70
C GLY A 30 -0.28 4.92 8.48
N PHE A 31 0.94 5.30 8.09
CA PHE A 31 2.15 4.78 8.76
C PHE A 31 2.37 5.46 10.12
N VAL A 32 2.05 6.74 10.25
CA VAL A 32 2.05 7.40 11.58
C VAL A 32 1.14 6.62 12.52
N GLN A 33 -0.06 6.28 12.06
CA GLN A 33 -1.07 5.55 12.91
C GLN A 33 -0.54 4.18 13.32
N MET A 34 0.02 3.48 12.33
CA MET A 34 0.53 2.12 12.52
C MET A 34 1.74 2.04 13.45
N THR A 35 2.65 3.00 13.36
CA THR A 35 3.91 2.88 14.07
C THR A 35 3.91 3.59 15.41
N GLY A 36 3.01 4.54 15.61
CA GLY A 36 2.97 5.34 16.87
C GLY A 36 3.95 6.52 16.90
N TYR A 37 4.63 6.76 15.79
CA TYR A 37 5.52 7.91 15.65
C TYR A 37 4.87 8.97 14.79
N GLU A 38 5.02 10.22 15.18
CA GLU A 38 4.55 11.35 14.39
C GLU A 38 5.50 11.59 13.20
N THR A 39 5.05 12.35 12.19
CA THR A 39 5.85 12.53 10.98
C THR A 39 7.23 13.09 11.34
N GLU A 40 7.27 14.08 12.23
CA GLU A 40 8.54 14.69 12.68
C GLU A 40 9.53 13.67 13.28
N GLU A 41 9.02 12.58 13.85
CA GLU A 41 9.88 11.53 14.42
C GLU A 41 10.22 10.43 13.43
N ILE A 42 9.78 10.59 12.18
CA ILE A 42 10.03 9.60 11.14
C ILE A 42 10.93 10.16 10.06
N LEU A 43 10.59 11.36 9.55
CA LEU A 43 11.33 11.91 8.41
C LEU A 43 12.78 12.11 8.79
N GLY A 44 13.66 11.77 7.84
CA GLY A 44 15.06 11.90 8.01
C GLY A 44 15.70 10.67 8.60
N LYS A 45 14.90 9.77 9.18
CA LYS A 45 15.46 8.49 9.68
C LYS A 45 15.51 7.42 8.58
N ASN A 46 16.31 6.37 8.79
CA ASN A 46 16.23 5.18 7.98
C ASN A 46 15.12 4.33 8.56
N CYS A 47 14.38 3.64 7.70
CA CYS A 47 13.24 2.83 8.13
C CYS A 47 13.63 1.68 9.09
N ARG A 48 14.92 1.35 9.15
CA ARG A 48 15.35 0.30 10.08
C ARG A 48 15.12 0.63 11.57
N PHE A 49 14.83 1.89 11.87
CA PHE A 49 14.60 2.31 13.25
C PHE A 49 13.36 1.59 13.84
N LEU A 50 12.51 1.02 12.99
CA LEU A 50 11.32 0.22 13.45
C LEU A 50 11.64 -1.23 13.86
N GLN A 51 12.89 -1.63 13.65
CA GLN A 51 13.31 -3.00 13.94
C GLN A 51 13.66 -3.17 15.45
N GLY A 52 13.84 -4.41 15.87
CA GLY A 52 14.09 -4.71 17.29
C GLY A 52 14.36 -6.21 17.44
N LYS A 53 14.23 -6.71 18.66
CA LYS A 53 14.76 -8.03 19.06
C LYS A 53 14.37 -9.18 18.14
N HIS A 54 13.07 -9.26 17.78
CA HIS A 54 12.59 -10.38 16.97
C HIS A 54 12.56 -10.11 15.45
N THR A 55 13.18 -9.02 15.02
CA THR A 55 13.35 -8.76 13.61
C THR A 55 14.37 -9.77 13.08
N ASP A 56 13.94 -10.62 12.15
CA ASP A 56 14.77 -11.72 11.69
C ASP A 56 15.83 -11.20 10.71
N PRO A 57 17.13 -11.33 11.05
CA PRO A 57 18.21 -10.90 10.19
C PRO A 57 18.13 -11.43 8.74
N ALA A 58 17.56 -12.61 8.55
CA ALA A 58 17.34 -13.13 7.19
C ALA A 58 16.47 -12.19 6.36
N GLU A 59 15.40 -11.66 6.96
CA GLU A 59 14.55 -10.73 6.21
C GLU A 59 15.20 -9.38 6.01
N VAL A 60 15.94 -8.89 7.01
CA VAL A 60 16.71 -7.66 6.84
C VAL A 60 17.68 -7.83 5.67
N ASP A 61 18.34 -8.98 5.61
CA ASP A 61 19.23 -9.36 4.48
C ASP A 61 18.49 -9.27 3.13
N ASN A 62 17.30 -9.86 3.07
CA ASN A 62 16.51 -9.86 1.84
C ASN A 62 16.25 -8.43 1.35
N ILE A 63 15.87 -7.55 2.27
CA ILE A 63 15.61 -6.15 1.93
C ILE A 63 16.92 -5.48 1.49
N ARG A 64 18.01 -5.67 2.25
CA ARG A 64 19.29 -5.02 1.95
C ARG A 64 19.76 -5.40 0.55
N THR A 65 19.69 -6.69 0.24
CA THR A 65 20.09 -7.16 -1.07
C THR A 65 19.26 -6.57 -2.22
N ALA A 66 17.94 -6.50 -2.06
CA ALA A 66 17.07 -6.02 -3.15
C ALA A 66 17.32 -4.55 -3.41
N LEU A 67 17.47 -3.76 -2.33
CA LEU A 67 17.75 -2.34 -2.51
C LEU A 67 19.11 -2.15 -3.20
N GLN A 68 20.12 -2.88 -2.73
CA GLN A 68 21.44 -2.82 -3.39
C GLN A 68 21.35 -3.13 -4.90
N ASN A 69 20.52 -4.12 -5.24
CA ASN A 69 20.32 -4.51 -6.63
C ASN A 69 19.34 -3.66 -7.41
N LYS A 70 18.72 -2.71 -6.73
CA LYS A 70 17.62 -1.88 -7.24
C LYS A 70 16.52 -2.77 -7.82
N GLU A 71 15.99 -3.67 -6.99
CA GLU A 71 14.98 -4.63 -7.47
C GLU A 71 13.84 -4.64 -6.48
N PRO A 72 12.61 -4.92 -6.97
CA PRO A 72 11.50 -4.95 -6.01
C PRO A 72 11.65 -6.09 -5.02
N VAL A 73 11.05 -5.95 -3.85
CA VAL A 73 11.07 -6.99 -2.83
C VAL A 73 9.81 -6.95 -2.00
N THR A 74 9.38 -8.13 -1.52
CA THR A 74 8.35 -8.16 -0.47
C THR A 74 8.83 -9.07 0.64
N VAL A 75 8.70 -8.61 1.87
CA VAL A 75 9.00 -9.50 3.00
C VAL A 75 7.88 -9.40 4.01
N GLN A 76 7.82 -10.38 4.93
CA GLN A 76 7.05 -10.23 6.15
C GLN A 76 8.08 -10.07 7.27
N ILE A 77 8.07 -8.92 7.92
CA ILE A 77 9.11 -8.66 8.90
C ILE A 77 8.50 -8.17 10.23
N GLN A 78 9.15 -8.52 11.34
CA GLN A 78 8.65 -8.07 12.66
C GLN A 78 9.18 -6.67 12.93
N ASN A 79 8.28 -5.73 13.26
CA ASN A 79 8.69 -4.35 13.59
C ASN A 79 8.01 -3.98 14.92
N TYR A 80 8.32 -2.78 15.40
CA TYR A 80 7.89 -2.33 16.72
C TYR A 80 7.32 -0.92 16.67
N LYS A 81 6.22 -0.72 17.40
CA LYS A 81 5.64 0.58 17.54
C LYS A 81 6.44 1.36 18.57
N LYS A 82 6.27 2.68 18.57
CA LYS A 82 6.87 3.50 19.61
C LYS A 82 6.58 2.96 21.05
N ASP A 83 5.39 2.43 21.31
CA ASP A 83 5.05 1.95 22.67
C ASP A 83 5.65 0.58 22.95
N GLY A 84 6.46 0.08 22.00
CA GLY A 84 7.13 -1.20 22.14
C GLY A 84 6.42 -2.45 21.68
N THR A 85 5.15 -2.35 21.28
CA THR A 85 4.44 -3.56 20.89
C THR A 85 4.89 -3.98 19.47
N MET A 86 4.87 -5.28 19.24
CA MET A 86 5.41 -5.82 18.02
C MET A 86 4.25 -5.88 17.05
N PHE A 87 4.52 -5.57 15.78
CA PHE A 87 3.57 -5.85 14.72
C PHE A 87 4.25 -6.54 13.58
N TRP A 88 3.50 -7.34 12.85
CA TRP A 88 3.97 -7.99 11.62
C TRP A 88 3.70 -7.03 10.44
N ASN A 89 4.76 -6.70 9.72
CA ASN A 89 4.74 -5.74 8.62
C ASN A 89 4.98 -6.50 7.35
N GLU A 90 3.93 -6.63 6.55
CA GLU A 90 4.11 -7.12 5.19
C GLU A 90 4.52 -5.93 4.33
N LEU A 91 5.81 -5.93 3.96
CA LEU A 91 6.50 -4.77 3.43
C LEU A 91 6.84 -5.04 1.96
N ASN A 92 6.44 -4.13 1.07
CA ASN A 92 6.79 -4.21 -0.36
C ASN A 92 7.55 -2.93 -0.70
N ILE A 93 8.73 -3.06 -1.30
CA ILE A 93 9.49 -1.89 -1.69
C ILE A 93 9.79 -2.01 -3.15
N ASP A 94 9.44 -0.94 -3.89
CA ASP A 94 9.76 -0.80 -5.30
C ASP A 94 10.69 0.39 -5.53
N PRO A 95 11.63 0.27 -6.49
CA PRO A 95 12.24 1.53 -6.90
C PRO A 95 11.28 2.34 -7.77
N MET A 96 11.49 3.65 -7.84
CA MET A 96 10.68 4.48 -8.75
C MET A 96 11.47 5.66 -9.27
N GLU A 97 10.98 6.25 -10.36
CA GLU A 97 11.66 7.40 -10.97
C GLU A 97 10.71 8.57 -11.03
N ILE A 98 11.12 9.67 -10.40
CA ILE A 98 10.34 10.88 -10.38
C ILE A 98 11.20 12.00 -10.93
N GLU A 99 10.71 12.58 -12.03
CA GLU A 99 11.42 13.66 -12.73
C GLU A 99 12.89 13.29 -12.93
N ASP A 100 13.12 12.10 -13.50
CA ASP A 100 14.48 11.62 -13.83
C ASP A 100 15.40 11.37 -12.63
N LYS A 101 14.83 11.16 -11.44
CA LYS A 101 15.63 10.87 -10.25
C LYS A 101 15.06 9.63 -9.59
N THR A 102 15.92 8.80 -8.99
CA THR A 102 15.46 7.55 -8.42
C THR A 102 15.16 7.64 -6.92
N TYR A 103 14.12 6.91 -6.52
CA TYR A 103 13.70 6.86 -5.13
C TYR A 103 13.25 5.43 -4.89
N PHE A 104 12.99 5.11 -3.63
CA PHE A 104 12.27 3.90 -3.27
C PHE A 104 10.94 4.27 -2.64
N VAL A 105 9.91 3.49 -2.96
CA VAL A 105 8.61 3.64 -2.32
C VAL A 105 8.32 2.32 -1.57
N GLY A 106 7.90 2.43 -0.32
CA GLY A 106 7.60 1.27 0.49
C GLY A 106 6.14 1.27 0.89
N ILE A 107 5.52 0.10 0.86
CA ILE A 107 4.10 -0.02 1.23
C ILE A 107 4.05 -1.01 2.41
N GLN A 108 3.51 -0.57 3.55
CA GLN A 108 3.55 -1.37 4.76
C GLN A 108 2.14 -1.75 5.15
N ASN A 109 1.88 -3.05 5.31
CA ASN A 109 0.56 -3.58 5.70
C ASN A 109 0.73 -4.33 7.01
N ASP A 110 -0.06 -3.94 8.01
CA ASP A 110 -0.05 -4.58 9.32
C ASP A 110 -0.83 -5.89 9.19
N ILE A 111 -0.12 -7.00 9.24
CA ILE A 111 -0.77 -8.30 9.10
C ILE A 111 -0.73 -9.13 10.40
N THR A 112 -0.58 -8.45 11.54
CA THR A 112 -0.47 -9.12 12.85
C THR A 112 -1.65 -10.06 13.18
N LYS A 113 -2.88 -9.56 13.01
CA LYS A 113 -4.03 -10.42 13.31
C LYS A 113 -4.15 -11.59 12.31
N GLN A 114 -3.87 -11.34 11.03
CA GLN A 114 -3.88 -12.42 10.03
C GLN A 114 -2.87 -13.53 10.39
N LYS A 115 -1.70 -13.13 10.86
CA LYS A 115 -0.70 -14.12 11.23
C LYS A 115 -1.11 -14.94 12.44
N GLU A 116 -1.70 -14.28 13.43
CA GLU A 116 -2.25 -14.98 14.60
C GLU A 116 -3.26 -16.02 14.14
N TYR A 117 -4.19 -15.59 13.27
CA TYR A 117 -5.25 -16.47 12.75
C TYR A 117 -4.68 -17.63 11.95
N GLU A 118 -3.72 -17.34 11.09
CA GLU A 118 -3.08 -18.37 10.28
C GLU A 118 -2.44 -19.44 11.17
N LYS A 119 -1.78 -19.01 12.24
CA LYS A 119 -1.08 -19.92 13.13
C LYS A 119 -2.06 -20.91 13.77
N LEU A 120 -3.21 -20.42 14.20
CA LEU A 120 -4.24 -21.22 14.85
C LEU A 120 -4.88 -22.24 13.92
N LEU A 121 -5.15 -21.81 12.69
CA LEU A 121 -5.72 -22.67 11.66
C LEU A 121 -4.72 -23.74 11.27
N GLU A 122 -3.45 -23.35 11.13
CA GLU A 122 -2.35 -24.31 10.90
C GLU A 122 -2.21 -25.35 12.01
N ASP A 123 -2.17 -24.90 13.27
CA ASP A 123 -2.14 -25.79 14.43
C ASP A 123 -3.33 -26.75 14.43
N SER A 124 -4.52 -26.22 14.17
CA SER A 124 -5.73 -27.05 14.18
C SER A 124 -5.69 -28.11 13.08
N LEU A 125 -5.14 -27.73 11.94
CA LEU A 125 -5.01 -28.64 10.81
C LEU A 125 -4.05 -29.76 11.16
N THR A 126 -2.99 -29.40 11.89
CA THR A 126 -2.00 -30.37 12.31
C THR A 126 -2.64 -31.35 13.29
N GLU A 127 -3.45 -30.79 14.20
CA GLU A 127 -4.08 -31.59 15.23
C GLU A 127 -5.14 -32.50 14.64
N ILE A 128 -6.02 -31.94 13.81
CA ILE A 128 -7.04 -32.74 13.11
C ILE A 128 -6.37 -33.94 12.44
N THR A 129 -5.30 -33.67 11.70
CA THR A 129 -4.64 -34.71 10.89
C THR A 129 -3.99 -35.80 11.74
N ALA A 130 -3.55 -35.42 12.94
CA ALA A 130 -2.94 -36.36 13.87
C ALA A 130 -4.00 -37.31 14.44
N LEU A 131 -5.26 -36.93 14.29
CA LEU A 131 -6.37 -37.72 14.81
C LEU A 131 -7.03 -38.59 13.73
N SER A 132 -8.27 -38.99 13.97
CA SER A 132 -9.01 -39.91 13.10
C SER A 132 -10.39 -39.42 12.62
N LEU B 5 -1.87 -16.90 -6.35
CA LEU B 5 -3.14 -16.65 -7.10
C LEU B 5 -4.28 -16.20 -6.17
N ASP B 6 -4.99 -15.17 -6.63
CA ASP B 6 -6.05 -14.43 -5.91
C ASP B 6 -5.87 -14.01 -4.43
N HIS B 7 -5.56 -12.74 -4.25
CA HIS B 7 -5.25 -12.11 -2.98
C HIS B 7 -5.86 -10.71 -3.05
N VAL B 8 -6.17 -10.08 -1.90
CA VAL B 8 -6.50 -8.65 -1.86
C VAL B 8 -5.23 -7.88 -1.56
N ARG B 9 -4.94 -6.91 -2.40
CA ARG B 9 -3.81 -6.03 -2.18
C ARG B 9 -4.26 -4.63 -2.50
N VAL B 10 -3.75 -3.67 -1.75
CA VAL B 10 -4.02 -2.28 -1.96
C VAL B 10 -3.33 -1.85 -3.27
N GLY B 11 -3.91 -0.85 -3.91
CA GLY B 11 -3.34 -0.19 -5.08
C GLY B 11 -2.70 1.10 -4.60
N VAL B 12 -1.51 1.39 -5.09
CA VAL B 12 -0.80 2.64 -4.75
C VAL B 12 -0.30 3.23 -6.04
N VAL B 13 -0.62 4.52 -6.22
CA VAL B 13 -0.15 5.31 -7.34
C VAL B 13 0.48 6.60 -6.87
N ILE B 14 1.45 7.10 -7.63
CA ILE B 14 1.92 8.47 -7.43
C ILE B 14 1.77 9.18 -8.78
N THR B 15 1.24 10.41 -8.77
CA THR B 15 1.12 11.18 -9.98
C THR B 15 1.99 12.44 -9.94
N ASP B 16 2.38 12.95 -11.12
CA ASP B 16 3.28 14.13 -11.17
C ASP B 16 2.51 15.32 -11.76
N PRO B 17 1.97 16.23 -10.90
CA PRO B 17 1.10 17.29 -11.41
C PRO B 17 1.82 18.40 -12.15
N ALA B 18 3.16 18.32 -12.23
CA ALA B 18 3.95 19.26 -13.01
C ALA B 18 4.03 18.83 -14.48
N LEU B 19 3.51 17.64 -14.76
CA LEU B 19 3.46 17.08 -16.12
C LEU B 19 2.08 17.17 -16.74
N GLU B 20 2.00 17.23 -18.07
CA GLU B 20 0.69 17.38 -18.74
C GLU B 20 -0.36 16.39 -18.24
N ASP B 21 -1.48 16.91 -17.73
CA ASP B 21 -2.62 16.08 -17.29
C ASP B 21 -2.30 15.18 -16.09
N ASN B 22 -1.27 15.53 -15.32
CA ASN B 22 -1.08 14.93 -14.00
C ASN B 22 -1.04 13.41 -14.13
N PRO B 23 -0.06 12.89 -14.91
CA PRO B 23 -0.05 11.46 -15.17
C PRO B 23 0.49 10.62 -14.00
N ILE B 24 0.06 9.36 -13.95
CA ILE B 24 0.62 8.38 -13.02
C ILE B 24 2.08 8.14 -13.40
N VAL B 25 2.98 8.28 -12.41
CA VAL B 25 4.40 8.05 -12.62
C VAL B 25 4.96 6.85 -11.82
N TYR B 26 4.15 6.33 -10.89
CA TYR B 26 4.45 5.11 -10.17
C TYR B 26 3.14 4.38 -9.88
N VAL B 27 3.20 3.06 -10.03
CA VAL B 27 2.06 2.19 -9.65
C VAL B 27 2.61 0.88 -9.07
N ASN B 28 1.98 0.39 -8.00
CA ASN B 28 2.36 -0.90 -7.45
C ASN B 28 1.71 -2.07 -8.20
N GLN B 29 2.23 -3.26 -7.99
CA GLN B 29 1.62 -4.46 -8.58
C GLN B 29 0.21 -4.73 -8.07
N GLY B 30 -0.06 -4.32 -6.83
CA GLY B 30 -1.43 -4.39 -6.27
C GLY B 30 -2.46 -3.76 -7.19
N PHE B 31 -2.15 -2.57 -7.71
CA PHE B 31 -3.09 -1.86 -8.59
C PHE B 31 -3.16 -2.48 -9.98
N VAL B 32 -2.03 -3.00 -10.48
CA VAL B 32 -2.06 -3.78 -11.71
C VAL B 32 -3.05 -4.95 -11.57
N GLN B 33 -2.94 -5.67 -10.46
CA GLN B 33 -3.81 -6.83 -10.22
C GLN B 33 -5.24 -6.39 -9.99
N MET B 34 -5.40 -5.29 -9.29
CA MET B 34 -6.75 -4.79 -9.00
C MET B 34 -7.53 -4.40 -10.27
N THR B 35 -6.84 -3.72 -11.18
CA THR B 35 -7.51 -3.13 -12.34
C THR B 35 -7.43 -3.96 -13.63
N GLY B 36 -6.52 -4.93 -13.68
CA GLY B 36 -6.40 -5.71 -14.88
C GLY B 36 -5.55 -5.06 -15.96
N TYR B 37 -5.00 -3.89 -15.67
CA TYR B 37 -4.08 -3.23 -16.61
C TYR B 37 -2.62 -3.51 -16.26
N GLU B 38 -1.80 -3.82 -17.26
CA GLU B 38 -0.36 -3.96 -17.02
C GLU B 38 0.30 -2.65 -16.63
N THR B 39 1.41 -2.74 -15.92
CA THR B 39 2.14 -1.57 -15.45
C THR B 39 2.27 -0.50 -16.55
N GLU B 40 2.64 -0.92 -17.76
CA GLU B 40 2.85 0.07 -18.82
C GLU B 40 1.57 0.59 -19.45
N GLU B 41 0.45 -0.07 -19.18
CA GLU B 41 -0.89 0.42 -19.55
C GLU B 41 -1.49 1.36 -18.48
N ILE B 42 -0.75 1.60 -17.42
CA ILE B 42 -1.20 2.49 -16.36
C ILE B 42 -0.30 3.74 -16.30
N LEU B 43 1.00 3.50 -16.26
CA LEU B 43 1.99 4.59 -16.22
C LEU B 43 1.75 5.53 -17.38
N GLY B 44 1.76 6.83 -17.09
CA GLY B 44 1.62 7.81 -18.14
C GLY B 44 0.21 8.29 -18.40
N LYS B 45 -0.80 7.62 -17.82
CA LYS B 45 -2.20 7.99 -17.96
C LYS B 45 -2.67 8.78 -16.76
N ASN B 46 -3.65 9.65 -16.97
CA ASN B 46 -4.37 10.19 -15.84
C ASN B 46 -5.24 9.07 -15.28
N CYS B 47 -5.29 8.96 -13.95
CA CYS B 47 -6.07 7.95 -13.26
C CYS B 47 -7.55 7.87 -13.64
N ARG B 48 -8.09 8.95 -14.22
CA ARG B 48 -9.51 8.94 -14.63
C ARG B 48 -9.84 7.85 -15.64
N PHE B 49 -8.83 7.26 -16.30
CA PHE B 49 -9.11 6.23 -17.30
C PHE B 49 -9.92 5.02 -16.72
N LEU B 50 -9.93 4.90 -15.39
CA LEU B 50 -10.65 3.81 -14.75
C LEU B 50 -12.14 4.07 -14.55
N GLN B 51 -12.59 5.29 -14.86
CA GLN B 51 -13.98 5.67 -14.67
C GLN B 51 -14.83 5.15 -15.86
N GLY B 52 -16.15 5.11 -15.67
CA GLY B 52 -17.05 4.60 -16.71
C GLY B 52 -18.48 5.07 -16.52
N LYS B 53 -19.41 4.25 -17.00
CA LYS B 53 -20.80 4.62 -17.14
C LYS B 53 -21.44 5.08 -15.82
N HIS B 54 -21.14 4.41 -14.73
CA HIS B 54 -21.82 4.70 -13.48
C HIS B 54 -20.96 5.41 -12.42
N THR B 55 -19.83 5.95 -12.85
CA THR B 55 -19.05 6.82 -11.99
C THR B 55 -19.87 8.10 -11.71
N ASP B 56 -19.98 8.43 -10.43
CA ASP B 56 -20.74 9.58 -9.97
C ASP B 56 -19.97 10.86 -10.31
N PRO B 57 -20.50 11.68 -11.25
CA PRO B 57 -19.82 12.90 -11.68
C PRO B 57 -19.57 13.88 -10.49
N ALA B 58 -20.48 13.87 -9.52
CA ALA B 58 -20.33 14.70 -8.33
C ALA B 58 -19.10 14.35 -7.50
N GLU B 59 -18.75 13.07 -7.44
CA GLU B 59 -17.57 12.66 -6.68
C GLU B 59 -16.28 12.91 -7.45
N VAL B 60 -16.36 12.77 -8.78
CA VAL B 60 -15.29 13.21 -9.70
C VAL B 60 -15.00 14.72 -9.52
N ASP B 61 -16.07 15.51 -9.51
CA ASP B 61 -15.98 16.94 -9.19
C ASP B 61 -15.25 17.21 -7.88
N ASN B 62 -15.64 16.49 -6.84
CA ASN B 62 -15.08 16.65 -5.50
C ASN B 62 -13.59 16.26 -5.40
N ILE B 63 -13.17 15.27 -6.19
CA ILE B 63 -11.73 14.97 -6.34
C ILE B 63 -11.00 16.14 -7.01
N ARG B 64 -11.56 16.62 -8.12
CA ARG B 64 -10.91 17.64 -8.90
C ARG B 64 -10.67 18.85 -8.00
N THR B 65 -11.70 19.24 -7.24
CA THR B 65 -11.63 20.33 -6.29
C THR B 65 -10.56 20.12 -5.20
N ALA B 66 -10.65 18.99 -4.52
CA ALA B 66 -9.61 18.59 -3.54
C ALA B 66 -8.20 18.73 -4.10
N LEU B 67 -7.96 18.20 -5.30
CA LEU B 67 -6.62 18.23 -5.90
C LEU B 67 -6.20 19.67 -6.19
N GLN B 68 -7.15 20.47 -6.69
CA GLN B 68 -6.92 21.90 -6.89
C GLN B 68 -6.51 22.60 -5.59
N ASN B 69 -7.11 22.18 -4.48
CA ASN B 69 -6.91 22.84 -3.21
C ASN B 69 -5.85 22.15 -2.33
N LYS B 70 -5.25 21.09 -2.87
CA LYS B 70 -4.25 20.27 -2.16
C LYS B 70 -4.77 19.87 -0.79
N GLU B 71 -6.00 19.36 -0.80
CA GLU B 71 -6.64 18.85 0.39
C GLU B 71 -6.71 17.33 0.27
N PRO B 72 -6.41 16.62 1.37
CA PRO B 72 -6.53 15.18 1.33
C PRO B 72 -7.98 14.81 1.09
N VAL B 73 -8.24 13.77 0.29
CA VAL B 73 -9.62 13.33 0.06
C VAL B 73 -9.79 11.82 0.10
N THR B 74 -10.92 11.36 0.64
CA THR B 74 -11.27 9.97 0.54
C THR B 74 -12.67 9.86 -0.05
N VAL B 75 -12.83 8.97 -1.02
CA VAL B 75 -14.12 8.81 -1.67
C VAL B 75 -14.26 7.40 -2.18
N GLN B 76 -15.50 6.88 -2.19
CA GLN B 76 -15.78 5.61 -2.89
C GLN B 76 -16.37 5.94 -4.23
N ILE B 77 -15.76 5.40 -5.28
CA ILE B 77 -16.13 5.72 -6.64
C ILE B 77 -16.22 4.42 -7.45
N GLN B 78 -17.15 4.37 -8.40
CA GLN B 78 -17.30 3.22 -9.27
C GLN B 78 -16.20 3.35 -10.33
N ASN B 79 -15.44 2.26 -10.47
CA ASN B 79 -14.32 2.14 -11.43
C ASN B 79 -14.48 0.85 -12.23
N TYR B 80 -13.70 0.71 -13.31
CA TYR B 80 -13.91 -0.42 -14.22
C TYR B 80 -12.56 -1.02 -14.55
N LYS B 81 -12.49 -2.34 -14.46
CA LYS B 81 -11.26 -3.09 -14.82
C LYS B 81 -11.11 -3.11 -16.31
N LYS B 82 -9.94 -3.48 -16.79
CA LYS B 82 -9.74 -3.62 -18.23
C LYS B 82 -10.76 -4.51 -18.93
N ASP B 83 -11.18 -5.59 -18.26
CA ASP B 83 -12.22 -6.46 -18.85
C ASP B 83 -13.66 -5.92 -18.69
N GLY B 84 -13.81 -4.73 -18.15
CA GLY B 84 -15.13 -4.12 -18.05
C GLY B 84 -15.84 -4.34 -16.73
N THR B 85 -15.27 -5.18 -15.86
CA THR B 85 -15.86 -5.46 -14.56
C THR B 85 -15.92 -4.22 -13.66
N MET B 86 -17.10 -3.89 -13.15
CA MET B 86 -17.20 -2.77 -12.22
C MET B 86 -16.65 -3.17 -10.85
N PHE B 87 -15.99 -2.23 -10.17
CA PHE B 87 -15.65 -2.39 -8.77
C PHE B 87 -15.76 -1.07 -8.04
N TRP B 88 -16.07 -1.16 -6.77
CA TRP B 88 -16.08 0.01 -5.91
C TRP B 88 -14.68 0.26 -5.41
N ASN B 89 -14.19 1.45 -5.70
CA ASN B 89 -12.82 1.78 -5.37
C ASN B 89 -12.89 2.83 -4.27
N GLU B 90 -12.43 2.45 -3.09
CA GLU B 90 -12.25 3.41 -2.03
C GLU B 90 -10.86 4.03 -2.19
N LEU B 91 -10.88 5.30 -2.57
CA LEU B 91 -9.72 6.07 -2.99
C LEU B 91 -9.34 7.12 -1.92
N ASN B 92 -8.08 7.12 -1.47
CA ASN B 92 -7.57 8.16 -0.57
C ASN B 92 -6.47 8.86 -1.32
N ILE B 93 -6.57 10.18 -1.43
CA ILE B 93 -5.51 10.91 -2.12
C ILE B 93 -4.84 11.86 -1.14
N ASP B 94 -3.51 11.89 -1.13
CA ASP B 94 -2.77 12.76 -0.22
C ASP B 94 -1.85 13.66 -1.09
N PRO B 95 -2.03 14.99 -0.98
CA PRO B 95 -1.05 15.86 -1.62
C PRO B 95 0.22 15.75 -0.80
N MET B 96 1.37 15.78 -1.45
CA MET B 96 2.59 15.68 -0.66
C MET B 96 3.77 16.32 -1.37
N GLU B 97 4.88 16.45 -0.68
CA GLU B 97 6.02 17.06 -1.33
C GLU B 97 7.22 16.15 -1.24
N ILE B 98 7.95 16.08 -2.33
CA ILE B 98 9.19 15.32 -2.35
C ILE B 98 10.33 16.32 -2.46
N GLU B 99 10.66 16.75 -3.68
CA GLU B 99 11.91 17.55 -3.87
C GLU B 99 11.66 19.03 -3.60
N ASP B 100 11.00 19.32 -2.48
CA ASP B 100 10.22 20.57 -2.32
C ASP B 100 9.34 20.82 -3.56
N LYS B 101 8.86 19.73 -4.19
CA LYS B 101 7.90 19.78 -5.29
C LYS B 101 6.68 18.94 -4.94
N THR B 102 5.50 19.33 -5.41
CA THR B 102 4.27 18.62 -5.05
C THR B 102 4.01 17.41 -5.92
N TYR B 103 3.60 16.31 -5.26
CA TYR B 103 3.12 15.09 -5.93
C TYR B 103 1.81 14.70 -5.24
N PHE B 104 1.08 13.75 -5.82
CA PHE B 104 -0.11 13.15 -5.18
C PHE B 104 0.11 11.67 -4.98
N VAL B 105 -0.19 11.16 -3.79
CA VAL B 105 -0.10 9.72 -3.54
C VAL B 105 -1.54 9.26 -3.44
N GLY B 106 -1.90 8.23 -4.19
CA GLY B 106 -3.26 7.66 -4.09
C GLY B 106 -3.18 6.23 -3.61
N ILE B 107 -4.10 5.88 -2.72
CA ILE B 107 -4.21 4.52 -2.20
C ILE B 107 -5.60 4.09 -2.59
N GLN B 108 -5.69 2.91 -3.23
CA GLN B 108 -6.98 2.43 -3.73
C GLN B 108 -7.30 1.08 -3.11
N ASN B 109 -8.54 0.90 -2.72
CA ASN B 109 -9.00 -0.33 -2.10
C ASN B 109 -10.18 -0.84 -2.86
N ASP B 110 -10.05 -2.08 -3.32
CA ASP B 110 -11.13 -2.80 -3.93
C ASP B 110 -12.10 -3.28 -2.86
N ILE B 111 -13.09 -2.43 -2.57
CA ILE B 111 -14.06 -2.69 -1.53
C ILE B 111 -14.98 -3.85 -1.89
N THR B 112 -15.23 -4.05 -3.19
CA THR B 112 -16.12 -5.14 -3.68
C THR B 112 -15.47 -6.47 -3.34
N LYS B 113 -14.20 -6.61 -3.70
CA LYS B 113 -13.44 -7.82 -3.42
C LYS B 113 -13.17 -8.06 -1.92
N GLN B 114 -12.81 -7.02 -1.16
CA GLN B 114 -12.54 -7.17 0.27
C GLN B 114 -13.78 -7.76 0.96
N LYS B 115 -14.96 -7.23 0.62
CA LYS B 115 -16.22 -7.81 1.08
C LYS B 115 -16.43 -9.25 0.64
N GLU B 116 -16.13 -9.56 -0.62
CA GLU B 116 -16.37 -10.90 -1.16
C GLU B 116 -15.56 -11.91 -0.38
N TYR B 117 -14.31 -11.56 -0.12
CA TYR B 117 -13.36 -12.46 0.53
C TYR B 117 -13.61 -12.59 2.03
N GLU B 118 -14.10 -11.52 2.64
CA GLU B 118 -14.45 -11.56 4.05
C GLU B 118 -15.68 -12.45 4.28
N LYS B 119 -16.58 -12.48 3.29
CA LYS B 119 -17.79 -13.31 3.37
C LYS B 119 -17.47 -14.79 3.17
N LEU B 120 -16.47 -15.08 2.33
CA LEU B 120 -16.06 -16.45 2.10
C LEU B 120 -15.50 -17.03 3.40
N LEU B 121 -14.70 -16.22 4.11
CA LEU B 121 -14.15 -16.61 5.40
C LEU B 121 -15.26 -16.75 6.45
N GLU B 122 -16.10 -15.72 6.51
CA GLU B 122 -17.33 -15.75 7.29
C GLU B 122 -18.11 -17.07 7.13
N ASP B 123 -18.47 -17.38 5.88
CA ASP B 123 -19.26 -18.57 5.56
C ASP B 123 -18.54 -19.88 5.85
N SER B 124 -17.22 -19.89 5.67
CA SER B 124 -16.40 -21.06 6.01
C SER B 124 -16.43 -21.35 7.50
N LEU B 125 -16.22 -20.30 8.29
CA LEU B 125 -16.19 -20.40 9.73
C LEU B 125 -17.56 -20.79 10.32
N THR B 126 -18.65 -20.34 9.67
CA THR B 126 -19.99 -20.83 9.97
C THR B 126 -20.06 -22.36 9.79
N GLU B 127 -19.61 -22.82 8.62
CA GLU B 127 -19.71 -24.23 8.24
C GLU B 127 -19.02 -25.18 9.22
N ILE B 128 -18.03 -24.67 9.96
CA ILE B 128 -17.36 -25.44 11.04
C ILE B 128 -18.28 -25.70 12.25
N THR B 129 -19.19 -24.76 12.52
CA THR B 129 -20.09 -24.75 13.69
C THR B 129 -19.37 -24.61 15.03
N1 FMN C . 12.56 -1.59 7.35
C2 FMN C . 11.66 -1.95 8.35
O2 FMN C . 12.05 -2.64 9.28
N3 FMN C . 10.33 -1.56 8.31
C4 FMN C . 9.83 -0.82 7.26
O4 FMN C . 8.64 -0.43 7.27
C4A FMN C . 10.85 0.07 6.56
N5 FMN C . 10.30 0.22 5.23
C5A FMN C . 11.13 0.66 4.20
C6 FMN C . 10.63 1.45 3.13
C7 FMN C . 11.51 1.84 2.08
C7M FMN C . 10.98 2.61 0.88
C8 FMN C . 12.86 1.47 2.13
C8M FMN C . 13.82 1.73 0.99
C9 FMN C . 13.35 0.69 3.22
C9A FMN C . 12.47 0.27 4.25
N10 FMN C . 12.94 -0.49 5.31
C10 FMN C . 12.09 -0.84 6.31
C1' FMN C . 14.26 -1.21 5.22
C2' FMN C . 15.39 -0.54 5.98
O2' FMN C . 15.37 0.84 5.73
C3' FMN C . 16.73 -1.12 5.50
O3' FMN C . 16.83 -0.95 4.09
C4' FMN C . 16.88 -2.60 5.91
O4' FMN C . 16.99 -2.65 7.33
C5' FMN C . 18.12 -3.26 5.29
O5' FMN C . 19.26 -2.43 5.46
P FMN C . 20.21 -2.47 6.77
O1P FMN C . 19.38 -2.16 8.03
O2P FMN C . 21.26 -1.42 6.63
O3P FMN C . 20.79 -3.83 6.94
N1 FMN D . -9.64 8.34 -10.43
C2 FMN D . -10.26 7.12 -10.46
O2 FMN D . -11.29 7.07 -11.09
N3 FMN D . -9.76 5.99 -9.81
C4 FMN D . -8.56 6.09 -9.08
O4 FMN D . -8.02 5.07 -8.64
C4A FMN D . -7.61 7.22 -9.54
N5 FMN D . -6.85 7.55 -8.35
C5A FMN D . -6.16 8.76 -8.30
C6 FMN D . -4.99 8.87 -7.55
C7 FMN D . -4.30 10.09 -7.51
C7M FMN D . -2.95 10.17 -6.82
C8 FMN D . -4.84 11.21 -8.16
C8M FMN D . -4.06 12.50 -8.17
C9 FMN D . -6.01 11.09 -8.91
C9A FMN D . -6.69 9.86 -8.96
N10 FMN D . -7.87 9.72 -9.66
C10 FMN D . -8.48 8.48 -9.71
C1' FMN D . -8.72 10.91 -10.00
C2' FMN D . -8.54 11.38 -11.43
O2' FMN D . -7.18 11.40 -11.78
C3' FMN D . -9.05 12.82 -11.62
O3' FMN D . -8.33 13.67 -10.75
C4' FMN D . -10.54 12.97 -11.35
O4' FMN D . -11.27 12.24 -12.31
C5' FMN D . -10.97 14.44 -11.41
O5' FMN D . -10.33 15.16 -12.46
P FMN D . -11.00 15.29 -13.92
O1P FMN D . -11.33 13.88 -14.44
O2P FMN D . -10.09 16.01 -14.85
O3P FMN D . -12.29 16.06 -13.80
#